data_7V1H
#
_entry.id   7V1H
#
_cell.length_a   35.090
_cell.length_b   91.092
_cell.length_c   45.397
_cell.angle_alpha   90.000
_cell.angle_beta   91.090
_cell.angle_gamma   90.000
#
_symmetry.space_group_name_H-M   'P 1 21 1'
#
loop_
_entity.id
_entity.type
_entity.pdbx_description
1 polymer 'Core protein'
2 non-polymer "7-METHYL-GUANOSINE-5'-TRIPHOSPHATE"
3 non-polymer GLYCEROL
4 non-polymer 'CITRIC ACID'
5 non-polymer S-ADENOSYLMETHIONINE
6 non-polymer DI(HYDROXYETHYL)ETHER
7 non-polymer 'MAGNESIUM ION'
8 water water
#
_entity_poly.entity_id   1
_entity_poly.type   'polypeptide(L)'
_entity_poly.pdbx_seq_one_letter_code
;MTLGDLWKRRLNNCTKEEFFAYRRTGILETERDKARELLRKGETNMGLAVSRGTAKLAWLEERGYVNLKGEVVDLGCGRG
GWSYYAASRPAVMGVKAYTIGGKGHEAPKMVTSLGWNLIKFRAGMDVFTMQPHRADTVMCDIGESSPDAAIEGERTRKVI
LLMEQWKNRNPSASCVFKVLAPYRPEVIEALHRFQLQWGGGLVRTPFSRNSTHEMYYSTAISGNIVNSVNVQSRKLLARF
GDQRGPIRVPEMDLGVGTRHHHHHH
;
_entity_poly.pdbx_strand_id   A
#
loop_
_chem_comp.id
_chem_comp.type
_chem_comp.name
_chem_comp.formula
CIT non-polymer 'CITRIC ACID' 'C6 H8 O7'
GOL non-polymer GLYCEROL 'C3 H8 O3'
MG non-polymer 'MAGNESIUM ION' 'Mg 2'
MGP non-polymer 7-METHYL-GUANOSINE-5'-TRIPHOSPHATE 'C11 H19 N5 O14 P3 1'
PEG non-polymer DI(HYDROXYETHYL)ETHER 'C4 H10 O3'
SAM non-polymer S-ADENOSYLMETHIONINE 'C15 H22 N6 O5 S'
#
# COMPACT_ATOMS: atom_id res chain seq x y z
N MET A 1 2.77 -23.89 -11.19
CA MET A 1 3.45 -23.06 -10.20
C MET A 1 4.25 -21.96 -10.89
N THR A 2 4.27 -20.78 -10.27
CA THR A 2 4.82 -19.57 -10.89
C THR A 2 6.22 -19.26 -10.36
N LEU A 3 6.89 -18.37 -11.07
CA LEU A 3 8.19 -17.89 -10.63
C LEU A 3 8.09 -17.22 -9.27
N GLY A 4 6.99 -16.51 -9.01
CA GLY A 4 6.82 -15.90 -7.71
C GLY A 4 6.60 -16.92 -6.60
N ASP A 5 5.91 -18.02 -6.91
CA ASP A 5 5.74 -19.08 -5.93
C ASP A 5 7.10 -19.66 -5.54
N LEU A 6 7.98 -19.82 -6.52
CA LEU A 6 9.34 -20.29 -6.24
C LEU A 6 10.12 -19.27 -5.42
N TRP A 7 9.95 -17.98 -5.72
CA TRP A 7 10.62 -16.96 -4.92
C TRP A 7 10.22 -17.05 -3.46
N LYS A 8 8.92 -17.22 -3.20
CA LYS A 8 8.46 -17.31 -1.82
C LYS A 8 9.06 -18.53 -1.11
N ARG A 9 9.15 -19.66 -1.80
CA ARG A 9 9.81 -20.81 -1.20
C ARG A 9 11.28 -20.53 -0.93
N ARG A 10 11.97 -19.88 -1.88
CA ARG A 10 13.36 -19.54 -1.64
C ARG A 10 13.50 -18.59 -0.46
N LEU A 11 12.59 -17.62 -0.36
CA LEU A 11 12.62 -16.71 0.79
C LEU A 11 12.48 -17.47 2.10
N ASN A 12 11.48 -18.34 2.20
CA ASN A 12 11.31 -19.13 3.42
C ASN A 12 12.49 -20.07 3.67
N ASN A 13 13.29 -20.37 2.65
CA ASN A 13 14.43 -21.27 2.81
C ASN A 13 15.69 -20.53 3.29
N CYS A 14 15.68 -19.21 3.31
CA CYS A 14 16.84 -18.45 3.80
C CYS A 14 17.08 -18.74 5.27
N THR A 15 18.36 -18.83 5.64
CA THR A 15 18.71 -18.72 7.04
C THR A 15 18.40 -17.31 7.53
N LYS A 16 18.45 -17.11 8.84
CA LYS A 16 18.11 -15.79 9.37
C LYS A 16 19.06 -14.72 8.85
N GLU A 17 20.36 -14.99 8.86
CA GLU A 17 21.33 -14.02 8.37
C GLU A 17 21.11 -13.72 6.89
N GLU A 18 20.83 -14.76 6.10
CA GLU A 18 20.52 -14.54 4.69
C GLU A 18 19.27 -13.68 4.54
N PHE A 19 18.23 -13.98 5.33
CA PHE A 19 16.95 -13.27 5.21
C PHE A 19 17.09 -11.78 5.54
N PHE A 20 17.73 -11.45 6.65
CA PHE A 20 17.82 -10.05 7.05
C PHE A 20 18.69 -9.25 6.08
N ALA A 21 19.72 -9.87 5.51
CA ALA A 21 20.51 -9.19 4.50
C ALA A 21 19.73 -9.01 3.21
N TYR A 22 18.98 -10.05 2.81
CA TYR A 22 18.20 -9.96 1.59
C TYR A 22 17.10 -8.91 1.70
N ARG A 23 16.49 -8.80 2.89
CA ARG A 23 15.24 -8.05 3.04
C ARG A 23 15.39 -6.60 2.61
N ARG A 24 16.54 -5.99 2.88
CA ARG A 24 16.70 -4.57 2.63
C ARG A 24 17.66 -4.23 1.50
N THR A 25 18.26 -5.22 0.83
CA THR A 25 19.31 -4.91 -0.13
C THR A 25 18.74 -4.15 -1.33
N GLY A 26 19.35 -2.99 -1.61
CA GLY A 26 19.00 -2.21 -2.77
C GLY A 26 17.69 -1.44 -2.69
N ILE A 27 17.04 -1.37 -1.54
CA ILE A 27 15.74 -0.71 -1.45
C ILE A 27 15.93 0.70 -0.90
N LEU A 28 14.99 1.57 -1.24
CA LEU A 28 14.92 2.89 -0.63
C LEU A 28 14.28 2.79 0.75
N GLU A 29 14.85 3.50 1.72
CA GLU A 29 14.33 3.50 3.09
C GLU A 29 14.33 4.94 3.59
N THR A 30 13.17 5.44 4.06
CA THR A 30 13.16 6.79 4.60
C THR A 30 13.85 6.82 5.96
N GLU A 31 14.49 7.95 6.25
CA GLU A 31 15.19 8.16 7.50
C GLU A 31 14.19 8.60 8.57
N ARG A 32 13.86 7.72 9.50
CA ARG A 32 12.81 7.99 10.47
C ARG A 32 13.34 8.24 11.87
N ASP A 33 14.63 8.59 12.00
CA ASP A 33 15.21 8.86 13.31
C ASP A 33 14.40 9.89 14.10
N LYS A 34 14.12 11.04 13.49
CA LYS A 34 13.33 12.05 14.18
C LYS A 34 11.86 11.66 14.26
N ALA A 35 11.26 11.23 13.14
CA ALA A 35 9.82 10.97 13.14
C ALA A 35 9.44 9.93 14.19
N ARG A 36 10.24 8.88 14.32
CA ARG A 36 9.93 7.79 15.23
C ARG A 36 9.87 8.27 16.68
N GLU A 37 10.83 9.10 17.08
CA GLU A 37 10.82 9.56 18.47
C GLU A 37 9.69 10.56 18.73
N LEU A 38 9.38 11.42 17.75
CA LEU A 38 8.26 12.33 17.91
C LEU A 38 6.96 11.55 18.15
N LEU A 39 6.76 10.49 17.39
CA LEU A 39 5.56 9.68 17.56
C LEU A 39 5.59 8.92 18.88
N ARG A 40 6.76 8.38 19.23
CA ARG A 40 6.90 7.68 20.51
C ARG A 40 6.51 8.57 21.68
N LYS A 41 7.01 9.80 21.71
CA LYS A 41 6.73 10.69 22.82
C LYS A 41 5.37 11.36 22.72
N GLY A 42 4.62 11.13 21.64
CA GLY A 42 3.25 11.62 21.57
C GLY A 42 3.11 13.05 21.10
N GLU A 43 4.08 13.57 20.34
CA GLU A 43 3.95 14.91 19.78
C GLU A 43 2.87 14.90 18.69
N THR A 44 1.89 15.81 18.82
CA THR A 44 0.84 15.89 17.80
C THR A 44 1.10 16.97 16.77
N ASN A 45 2.00 17.92 17.04
CA ASN A 45 2.27 18.98 16.07
C ASN A 45 3.47 18.56 15.22
N MET A 46 3.18 17.81 14.16
CA MET A 46 4.26 17.36 13.31
C MET A 46 3.70 16.97 11.95
N GLY A 47 4.53 17.11 10.95
CA GLY A 47 4.14 16.81 9.58
C GLY A 47 5.04 15.76 8.96
N LEU A 48 6.06 15.32 9.70
CA LEU A 48 6.80 14.14 9.28
C LEU A 48 5.84 12.97 9.18
N ALA A 49 6.11 12.07 8.23
CA ALA A 49 5.18 10.97 7.94
C ALA A 49 4.96 10.09 9.17
N VAL A 50 3.69 9.72 9.40
CA VAL A 50 3.38 8.86 10.54
C VAL A 50 3.77 7.42 10.30
N SER A 51 4.16 7.05 9.07
CA SER A 51 4.56 5.68 8.75
C SER A 51 5.36 5.69 7.45
N ARG A 52 5.94 4.53 7.13
CA ARG A 52 6.62 4.36 5.85
C ARG A 52 5.64 4.32 4.67
N GLY A 53 4.33 4.30 4.93
CA GLY A 53 3.38 4.27 3.83
C GLY A 53 3.32 5.57 3.05
N THR A 54 3.59 6.71 3.70
CA THR A 54 3.44 8.00 3.04
C THR A 54 4.33 8.12 1.81
N ALA A 55 5.61 7.78 1.95
CA ALA A 55 6.52 7.93 0.81
C ALA A 55 6.16 6.96 -0.31
N LYS A 56 5.55 5.82 0.01
CA LYS A 56 5.14 4.89 -1.04
C LYS A 56 4.07 5.50 -1.92
N LEU A 57 3.03 6.07 -1.31
CA LEU A 57 1.98 6.68 -2.11
C LEU A 57 2.48 7.94 -2.80
N ALA A 58 3.34 8.71 -2.11
CA ALA A 58 3.92 9.89 -2.73
C ALA A 58 4.67 9.52 -4.01
N TRP A 59 5.47 8.45 -3.94
CA TRP A 59 6.22 8.00 -5.11
C TRP A 59 5.28 7.64 -6.26
N LEU A 60 4.21 6.89 -5.95
CA LEU A 60 3.23 6.54 -6.96
C LEU A 60 2.65 7.78 -7.62
N GLU A 61 2.33 8.81 -6.83
CA GLU A 61 1.76 10.03 -7.39
CA GLU A 61 1.76 10.01 -7.42
C GLU A 61 2.80 10.79 -8.21
N GLU A 62 4.01 10.94 -7.67
CA GLU A 62 5.06 11.67 -8.37
C GLU A 62 5.39 11.03 -9.72
N ARG A 63 5.32 9.70 -9.79
CA ARG A 63 5.56 9.00 -11.05
C ARG A 63 4.39 9.13 -12.02
N GLY A 64 3.29 9.73 -11.60
CA GLY A 64 2.11 9.81 -12.45
C GLY A 64 1.28 8.54 -12.50
N TYR A 65 1.44 7.64 -11.52
CA TYR A 65 0.76 6.35 -11.58
C TYR A 65 -0.56 6.32 -10.83
N VAL A 66 -0.90 7.36 -10.07
CA VAL A 66 -2.18 7.40 -9.37
C VAL A 66 -2.79 8.78 -9.53
N ASN A 67 -4.12 8.84 -9.47
CA ASN A 67 -4.86 10.09 -9.48
C ASN A 67 -5.57 10.21 -8.14
N LEU A 68 -5.18 11.21 -7.33
CA LEU A 68 -5.76 11.43 -6.01
C LEU A 68 -6.52 12.74 -6.04
N LYS A 69 -7.84 12.67 -5.97
CA LYS A 69 -8.64 13.89 -6.11
C LYS A 69 -10.00 13.68 -5.45
N GLY A 70 -10.64 14.80 -5.11
CA GLY A 70 -12.03 14.77 -4.70
C GLY A 70 -12.19 14.16 -3.32
N GLU A 71 -13.26 13.39 -3.17
CA GLU A 71 -13.55 12.71 -1.91
C GLU A 71 -12.85 11.36 -1.91
N VAL A 72 -11.89 11.20 -1.00
CA VAL A 72 -11.02 10.03 -0.94
C VAL A 72 -11.49 9.12 0.18
N VAL A 73 -11.46 7.81 -0.03
CA VAL A 73 -11.59 6.86 1.06
C VAL A 73 -10.30 6.07 1.18
N ASP A 74 -9.87 5.84 2.41
CA ASP A 74 -8.66 5.09 2.74
C ASP A 74 -9.12 3.86 3.51
N LEU A 75 -9.12 2.72 2.84
CA LEU A 75 -9.63 1.47 3.40
C LEU A 75 -8.46 0.70 4.02
N GLY A 76 -8.48 0.54 5.33
CA GLY A 76 -7.33 -0.05 6.01
C GLY A 76 -6.26 1.00 6.23
N CYS A 77 -6.62 2.11 6.84
CA CYS A 77 -5.69 3.25 6.94
C CYS A 77 -4.54 3.02 7.93
N GLY A 78 -4.72 2.12 8.89
CA GLY A 78 -3.67 1.90 9.88
C GLY A 78 -3.30 3.20 10.61
N ARG A 79 -1.99 3.45 10.76
CA ARG A 79 -1.56 4.72 11.34
C ARG A 79 -2.00 5.94 10.55
N GLY A 80 -2.27 5.78 9.26
CA GLY A 80 -2.79 6.86 8.44
C GLY A 80 -1.81 7.49 7.45
N GLY A 81 -0.69 6.84 7.13
CA GLY A 81 0.28 7.46 6.23
C GLY A 81 -0.31 7.88 4.90
N TRP A 82 -1.24 7.09 4.37
CA TRP A 82 -1.88 7.45 3.11
C TRP A 82 -2.94 8.53 3.29
N SER A 83 -3.67 8.47 4.41
CA SER A 83 -4.69 9.47 4.71
C SER A 83 -4.08 10.86 4.83
N TYR A 84 -3.02 10.98 5.62
CA TYR A 84 -2.35 12.26 5.76
C TYR A 84 -1.72 12.69 4.44
N TYR A 85 -1.18 11.75 3.67
CA TYR A 85 -0.65 12.13 2.37
C TYR A 85 -1.75 12.72 1.51
N ALA A 86 -2.87 12.00 1.37
CA ALA A 86 -3.97 12.48 0.54
C ALA A 86 -4.50 13.83 1.03
N ALA A 87 -4.67 13.96 2.35
CA ALA A 87 -5.24 15.19 2.90
C ALA A 87 -4.38 16.40 2.62
N SER A 88 -3.08 16.21 2.40
CA SER A 88 -2.21 17.34 2.09
C SER A 88 -2.27 17.75 0.62
N ARG A 89 -2.94 16.94 -0.26
CA ARG A 89 -2.92 17.22 -1.70
C ARG A 89 -4.02 18.21 -2.05
N PRO A 90 -3.70 19.30 -2.74
CA PRO A 90 -4.72 20.33 -3.03
C PRO A 90 -5.94 19.81 -3.75
N ALA A 91 -5.80 18.82 -4.64
CA ALA A 91 -6.95 18.32 -5.38
C ALA A 91 -7.89 17.46 -4.54
N VAL A 92 -7.46 17.07 -3.35
CA VAL A 92 -8.28 16.26 -2.45
C VAL A 92 -9.13 17.18 -1.59
N MET A 93 -10.43 16.89 -1.51
CA MET A 93 -11.37 17.70 -0.74
C MET A 93 -11.68 17.13 0.63
N GLY A 94 -11.56 15.82 0.79
CA GLY A 94 -11.82 15.20 2.07
C GLY A 94 -11.32 13.77 2.05
N VAL A 95 -11.09 13.24 3.24
CA VAL A 95 -10.62 11.87 3.41
C VAL A 95 -11.49 11.19 4.46
N LYS A 96 -12.07 10.05 4.10
CA LYS A 96 -12.76 9.18 5.05
C LYS A 96 -11.91 7.92 5.19
N ALA A 97 -11.29 7.77 6.35
CA ALA A 97 -10.27 6.74 6.59
C ALA A 97 -10.82 5.74 7.61
N TYR A 98 -10.67 4.44 7.31
CA TYR A 98 -11.25 3.36 8.10
C TYR A 98 -10.18 2.33 8.42
N THR A 99 -10.13 1.87 9.66
CA THR A 99 -9.20 0.79 9.99
C THR A 99 -9.75 -0.01 11.17
N ILE A 100 -9.33 -1.28 11.27
CA ILE A 100 -9.92 -2.16 12.26
C ILE A 100 -9.38 -1.86 13.66
N GLY A 101 -8.09 -1.53 13.76
CA GLY A 101 -7.58 -1.28 15.11
C GLY A 101 -7.66 -2.56 15.94
N GLY A 102 -7.58 -2.37 17.26
CA GLY A 102 -7.68 -3.50 18.16
C GLY A 102 -6.34 -4.20 18.36
N LYS A 103 -6.41 -5.40 18.96
CA LYS A 103 -5.20 -6.10 19.40
C LYS A 103 -4.34 -6.45 18.20
N GLY A 104 -3.08 -5.99 18.24
CA GLY A 104 -2.12 -6.30 17.21
C GLY A 104 -2.29 -5.55 15.91
N HIS A 105 -3.13 -4.52 15.86
CA HIS A 105 -3.38 -3.73 14.66
C HIS A 105 -3.18 -2.24 14.96
N GLU A 106 -2.65 -1.51 13.98
N GLU A 106 -2.61 -1.51 14.00
CA GLU A 106 -2.27 -0.12 14.19
CA GLU A 106 -2.27 -0.11 14.23
C GLU A 106 -3.51 0.79 14.20
C GLU A 106 -3.52 0.76 14.25
N ALA A 107 -3.62 1.62 15.25
CA ALA A 107 -4.64 2.64 15.31
C ALA A 107 -4.16 3.89 14.60
N PRO A 108 -5.06 4.78 14.19
CA PRO A 108 -4.63 6.01 13.51
C PRO A 108 -3.79 6.88 14.43
N LYS A 109 -2.71 7.42 13.89
CA LYS A 109 -1.92 8.40 14.63
C LYS A 109 -2.56 9.77 14.45
N MET A 110 -2.64 10.53 15.54
CA MET A 110 -3.31 11.82 15.53
C MET A 110 -2.28 12.93 15.50
N VAL A 111 -2.18 13.64 14.36
CA VAL A 111 -1.21 14.73 14.20
C VAL A 111 -1.86 15.88 13.45
N THR A 112 -1.14 17.00 13.39
CA THR A 112 -1.56 18.21 12.70
C THR A 112 -1.01 18.29 11.28
N SER A 113 -0.52 17.18 10.72
CA SER A 113 -0.02 17.17 9.34
C SER A 113 -1.01 17.86 8.42
N LEU A 114 -0.47 18.58 7.44
CA LEU A 114 -1.27 19.53 6.65
C LEU A 114 -2.54 18.90 6.10
N GLY A 115 -3.68 19.54 6.37
CA GLY A 115 -4.98 19.04 5.96
C GLY A 115 -5.63 18.04 6.90
N TRP A 116 -5.08 17.86 8.11
CA TRP A 116 -5.63 16.88 9.05
C TRP A 116 -7.13 17.09 9.30
N ASN A 117 -7.59 18.34 9.27
CA ASN A 117 -8.98 18.65 9.57
C ASN A 117 -9.94 18.08 8.52
N LEU A 118 -9.44 17.71 7.36
CA LEU A 118 -10.26 17.14 6.31
C LEU A 118 -10.36 15.62 6.38
N ILE A 119 -9.73 14.99 7.37
CA ILE A 119 -9.81 13.54 7.53
C ILE A 119 -10.82 13.22 8.62
N LYS A 120 -11.72 12.29 8.34
CA LYS A 120 -12.54 11.64 9.35
C LYS A 120 -11.98 10.23 9.54
N PHE A 121 -11.25 10.03 10.64
CA PHE A 121 -10.74 8.71 10.99
C PHE A 121 -11.81 7.92 11.73
N ARG A 122 -11.99 6.65 11.36
CA ARG A 122 -12.90 5.76 12.09
C ARG A 122 -12.21 4.42 12.32
N ALA A 123 -11.82 4.17 13.57
CA ALA A 123 -11.23 2.90 13.93
C ALA A 123 -12.32 1.95 14.40
N GLY A 124 -11.95 0.70 14.66
CA GLY A 124 -12.92 -0.32 14.97
C GLY A 124 -13.83 -0.70 13.82
N MET A 125 -13.43 -0.42 12.59
CA MET A 125 -14.26 -0.66 11.41
CA MET A 125 -14.26 -0.65 11.41
C MET A 125 -13.64 -1.73 10.53
N ASP A 126 -14.44 -2.76 10.23
CA ASP A 126 -14.05 -3.77 9.25
C ASP A 126 -14.50 -3.33 7.87
N VAL A 127 -13.55 -3.09 6.96
CA VAL A 127 -13.95 -2.63 5.64
C VAL A 127 -14.53 -3.75 4.79
N PHE A 128 -14.25 -5.02 5.10
CA PHE A 128 -14.78 -6.08 4.24
C PHE A 128 -16.30 -6.25 4.38
N THR A 129 -16.88 -5.83 5.51
CA THR A 129 -18.33 -5.90 5.68
C THR A 129 -19.00 -4.53 5.69
N MET A 130 -18.26 -3.45 5.47
CA MET A 130 -18.85 -2.11 5.51
C MET A 130 -19.39 -1.75 4.12
N GLN A 131 -20.64 -1.31 4.06
CA GLN A 131 -21.22 -0.98 2.77
C GLN A 131 -20.48 0.21 2.16
N PRO A 132 -20.12 0.15 0.88
CA PRO A 132 -19.47 1.30 0.23
C PRO A 132 -20.38 2.52 0.17
N HIS A 133 -19.76 3.69 -0.01
CA HIS A 133 -20.47 4.94 -0.20
C HIS A 133 -19.78 5.71 -1.33
N ARG A 134 -20.32 6.88 -1.66
CA ARG A 134 -19.74 7.65 -2.76
C ARG A 134 -18.30 8.01 -2.46
N ALA A 135 -17.46 7.97 -3.50
CA ALA A 135 -16.07 8.42 -3.42
C ALA A 135 -15.56 8.67 -4.82
N ASP A 136 -14.66 9.64 -4.95
CA ASP A 136 -13.96 9.88 -6.21
C ASP A 136 -12.67 9.08 -6.32
N THR A 137 -12.00 8.84 -5.19
CA THR A 137 -10.77 8.08 -5.16
C THR A 137 -10.89 7.04 -4.07
N VAL A 138 -10.59 5.79 -4.40
CA VAL A 138 -10.66 4.69 -3.45
C VAL A 138 -9.26 4.11 -3.28
N MET A 139 -8.72 4.19 -2.06
CA MET A 139 -7.42 3.62 -1.75
C MET A 139 -7.58 2.48 -0.77
N CYS A 140 -6.73 1.46 -0.91
CA CYS A 140 -6.74 0.35 0.06
C CYS A 140 -5.34 -0.26 0.13
N ASP A 141 -4.71 -0.12 1.29
CA ASP A 141 -3.37 -0.63 1.51
C ASP A 141 -3.36 -1.84 2.45
N ILE A 142 -4.25 -2.79 2.22
CA ILE A 142 -4.43 -3.94 3.08
C ILE A 142 -3.73 -5.15 2.47
N GLY A 143 -3.06 -5.91 3.32
CA GLY A 143 -2.46 -7.17 2.89
C GLY A 143 -1.36 -7.54 3.84
N GLU A 144 -1.69 -8.35 4.84
CA GLU A 144 -0.71 -8.76 5.85
C GLU A 144 0.09 -9.97 5.38
N SER A 145 1.41 -9.87 5.43
N SER A 145 1.41 -9.88 5.43
CA SER A 145 2.27 -10.96 4.97
CA SER A 145 2.27 -10.96 4.97
C SER A 145 2.05 -12.21 5.81
C SER A 145 2.06 -12.21 5.82
N SER A 146 2.32 -13.37 5.21
CA SER A 146 2.25 -14.65 5.90
C SER A 146 3.28 -15.55 5.24
N PRO A 147 4.03 -16.34 6.02
CA PRO A 147 4.92 -17.34 5.41
C PRO A 147 4.18 -18.29 4.48
N ASP A 148 2.87 -18.41 4.62
CA ASP A 148 2.04 -19.33 3.84
C ASP A 148 1.51 -18.58 2.63
N ALA A 149 1.98 -18.96 1.43
CA ALA A 149 1.61 -18.25 0.21
C ALA A 149 0.12 -18.38 -0.08
N ALA A 150 -0.50 -19.49 0.30
CA ALA A 150 -1.93 -19.65 0.08
C ALA A 150 -2.74 -18.66 0.91
N ILE A 151 -2.27 -18.38 2.13
CA ILE A 151 -2.93 -17.39 2.97
C ILE A 151 -2.76 -15.99 2.37
N GLU A 152 -1.55 -15.66 1.89
CA GLU A 152 -1.34 -14.38 1.21
C GLU A 152 -2.22 -14.27 -0.02
N GLY A 153 -2.37 -15.36 -0.77
CA GLY A 153 -3.27 -15.33 -1.93
C GLY A 153 -4.70 -15.03 -1.52
N GLU A 154 -5.16 -15.67 -0.46
CA GLU A 154 -6.53 -15.45 -0.02
C GLU A 154 -6.73 -14.03 0.52
N ARG A 155 -5.74 -13.51 1.27
CA ARG A 155 -5.86 -12.15 1.78
C ARG A 155 -5.90 -11.15 0.63
N THR A 156 -5.10 -11.40 -0.41
CA THR A 156 -5.11 -10.55 -1.60
C THR A 156 -6.45 -10.62 -2.32
N ARG A 157 -7.00 -11.83 -2.46
CA ARG A 157 -8.27 -12.00 -3.16
C ARG A 157 -9.38 -11.18 -2.49
N LYS A 158 -9.39 -11.15 -1.15
CA LYS A 158 -10.40 -10.37 -0.44
C LYS A 158 -10.25 -8.87 -0.72
N VAL A 159 -9.02 -8.37 -0.89
CA VAL A 159 -8.84 -6.96 -1.22
C VAL A 159 -9.37 -6.67 -2.61
N ILE A 160 -9.05 -7.53 -3.58
CA ILE A 160 -9.51 -7.27 -4.95
C ILE A 160 -11.04 -7.29 -4.99
N LEU A 161 -11.66 -8.24 -4.30
CA LEU A 161 -13.12 -8.28 -4.25
C LEU A 161 -13.69 -7.02 -3.61
N LEU A 162 -13.05 -6.54 -2.54
CA LEU A 162 -13.50 -5.30 -1.91
C LEU A 162 -13.44 -4.14 -2.91
N MET A 163 -12.39 -4.11 -3.73
N MET A 163 -12.39 -4.10 -3.72
CA MET A 163 -12.26 -3.03 -4.72
CA MET A 163 -12.27 -3.03 -4.70
C MET A 163 -13.34 -3.15 -5.79
C MET A 163 -13.34 -3.14 -5.78
N GLU A 164 -13.67 -4.37 -6.19
CA GLU A 164 -14.80 -4.57 -7.12
C GLU A 164 -16.10 -4.05 -6.52
N GLN A 165 -16.29 -4.23 -5.20
CA GLN A 165 -17.49 -3.74 -4.55
C GLN A 165 -17.51 -2.21 -4.49
N TRP A 166 -16.37 -1.58 -4.23
CA TRP A 166 -16.34 -0.12 -4.24
C TRP A 166 -16.51 0.44 -5.66
N LYS A 167 -15.99 -0.26 -6.68
CA LYS A 167 -16.22 0.20 -8.05
C LYS A 167 -17.67 -0.01 -8.49
N ASN A 168 -18.32 -1.06 -8.00
CA ASN A 168 -19.75 -1.21 -8.28
C ASN A 168 -20.54 -0.01 -7.76
N ARG A 169 -20.18 0.50 -6.57
CA ARG A 169 -20.82 1.71 -6.08
C ARG A 169 -20.34 2.94 -6.84
N ASN A 170 -19.05 2.98 -7.19
CA ASN A 170 -18.44 4.15 -7.85
C ASN A 170 -17.72 3.71 -9.11
N PRO A 171 -18.45 3.45 -10.20
CA PRO A 171 -17.79 2.96 -11.42
C PRO A 171 -16.72 3.89 -11.97
N SER A 172 -16.83 5.20 -11.76
CA SER A 172 -15.85 6.12 -12.30
C SER A 172 -14.73 6.43 -11.32
N ALA A 173 -14.69 5.78 -10.16
CA ALA A 173 -13.69 6.16 -9.16
C ALA A 173 -12.27 5.77 -9.55
N SER A 174 -11.32 6.64 -9.22
CA SER A 174 -9.91 6.28 -9.25
C SER A 174 -9.61 5.27 -8.15
N CYS A 175 -8.86 4.22 -8.47
CA CYS A 175 -8.49 3.20 -7.49
C CYS A 175 -6.98 3.02 -7.41
N VAL A 176 -6.49 2.86 -6.17
CA VAL A 176 -5.11 2.41 -5.97
C VAL A 176 -5.13 1.44 -4.78
N PHE A 177 -4.63 0.23 -4.98
CA PHE A 177 -4.67 -0.73 -3.88
C PHE A 177 -3.47 -1.66 -3.91
N LYS A 178 -3.09 -2.11 -2.71
CA LYS A 178 -2.05 -3.12 -2.54
C LYS A 178 -2.52 -4.46 -3.07
N VAL A 179 -1.61 -5.15 -3.78
CA VAL A 179 -1.80 -6.53 -4.20
C VAL A 179 -0.66 -7.31 -3.54
N LEU A 180 -0.96 -7.93 -2.40
CA LEU A 180 0.08 -8.50 -1.56
C LEU A 180 0.85 -9.61 -2.27
N ALA A 181 0.13 -10.51 -2.95
CA ALA A 181 0.71 -11.71 -3.54
C ALA A 181 0.26 -11.81 -4.99
N PRO A 182 0.76 -10.93 -5.85
CA PRO A 182 0.32 -10.95 -7.25
C PRO A 182 0.80 -12.18 -8.01
N TYR A 183 1.73 -12.94 -7.45
CA TYR A 183 2.27 -14.13 -8.08
C TYR A 183 1.34 -15.34 -7.96
N ARG A 184 0.26 -15.25 -7.16
CA ARG A 184 -0.62 -16.40 -7.03
C ARG A 184 -1.60 -16.46 -8.19
N PRO A 185 -1.83 -17.64 -8.76
CA PRO A 185 -2.72 -17.72 -9.94
C PRO A 185 -4.15 -17.28 -9.66
N GLU A 186 -4.68 -17.59 -8.48
CA GLU A 186 -6.02 -17.12 -8.12
C GLU A 186 -6.08 -15.60 -8.01
N VAL A 187 -4.96 -14.96 -7.66
CA VAL A 187 -4.90 -13.49 -7.66
C VAL A 187 -4.81 -12.97 -9.08
N ILE A 188 -4.01 -13.62 -9.93
CA ILE A 188 -3.92 -13.23 -11.34
C ILE A 188 -5.29 -13.25 -11.99
N GLU A 189 -6.06 -14.32 -11.73
CA GLU A 189 -7.39 -14.42 -12.31
C GLU A 189 -8.26 -13.24 -11.89
N ALA A 190 -8.26 -12.90 -10.60
CA ALA A 190 -9.09 -11.79 -10.13
C ALA A 190 -8.64 -10.47 -10.72
N LEU A 191 -7.32 -10.27 -10.88
CA LEU A 191 -6.80 -9.03 -11.43
C LEU A 191 -7.16 -8.87 -12.90
N HIS A 192 -7.05 -9.95 -13.68
CA HIS A 192 -7.51 -9.92 -15.07
C HIS A 192 -8.95 -9.48 -15.14
N ARG A 193 -9.82 -10.09 -14.33
CA ARG A 193 -11.22 -9.68 -14.31
CA ARG A 193 -11.22 -9.69 -14.30
C ARG A 193 -11.37 -8.22 -13.95
N PHE A 194 -10.60 -7.74 -12.96
CA PHE A 194 -10.68 -6.33 -12.59
C PHE A 194 -10.19 -5.45 -13.74
N GLN A 195 -9.07 -5.82 -14.37
CA GLN A 195 -8.51 -5.00 -15.43
C GLN A 195 -9.42 -4.95 -16.66
N LEU A 196 -10.08 -6.06 -16.99
CA LEU A 196 -10.92 -6.07 -18.18
C LEU A 196 -12.15 -5.19 -18.03
N GLN A 197 -12.67 -5.03 -16.82
CA GLN A 197 -13.82 -4.15 -16.63
C GLN A 197 -13.42 -2.70 -16.34
N TRP A 198 -12.28 -2.47 -15.66
CA TRP A 198 -11.97 -1.15 -15.13
C TRP A 198 -10.69 -0.54 -15.68
N GLY A 199 -9.89 -1.29 -16.45
CA GLY A 199 -8.58 -0.82 -16.83
C GLY A 199 -7.61 -0.91 -15.66
N GLY A 200 -6.40 -0.42 -15.90
CA GLY A 200 -5.40 -0.35 -14.86
C GLY A 200 -4.21 -1.26 -15.13
N GLY A 201 -3.29 -1.25 -14.17
CA GLY A 201 -2.12 -2.10 -14.20
C GLY A 201 -1.41 -2.07 -12.86
N LEU A 202 -0.30 -2.81 -12.80
CA LEU A 202 0.45 -3.07 -11.58
C LEU A 202 1.82 -2.41 -11.64
N VAL A 203 2.29 -1.88 -10.51
CA VAL A 203 3.66 -1.39 -10.39
C VAL A 203 4.25 -1.75 -9.03
N ARG A 204 5.56 -1.79 -9.00
CA ARG A 204 6.35 -2.06 -7.81
C ARG A 204 6.92 -0.74 -7.32
N THR A 205 6.75 -0.44 -5.94
CA THR A 205 7.43 0.78 -5.52
C THR A 205 8.81 0.43 -4.98
N PRO A 206 9.78 1.34 -5.07
CA PRO A 206 11.15 1.03 -4.62
C PRO A 206 11.32 1.02 -3.12
N PHE A 207 10.28 1.37 -2.35
CA PHE A 207 10.30 1.32 -0.90
C PHE A 207 9.83 0.00 -0.34
N SER A 208 9.23 -0.86 -1.16
CA SER A 208 8.84 -2.18 -0.69
C SER A 208 10.07 -3.04 -0.44
N ARG A 209 10.05 -3.77 0.69
CA ARG A 209 11.16 -4.66 1.02
C ARG A 209 11.17 -5.87 0.09
N ASN A 210 12.35 -6.47 -0.06
CA ASN A 210 12.47 -7.66 -0.89
C ASN A 210 11.79 -8.88 -0.27
N SER A 211 11.44 -8.82 1.01
CA SER A 211 10.75 -9.92 1.65
C SER A 211 9.25 -9.94 1.37
N THR A 212 8.75 -9.01 0.56
CA THR A 212 7.36 -9.03 0.13
C THR A 212 7.30 -8.82 -1.38
N HIS A 213 6.38 -9.56 -2.01
CA HIS A 213 6.10 -9.42 -3.43
C HIS A 213 5.03 -8.37 -3.72
N GLU A 214 4.67 -7.58 -2.73
CA GLU A 214 3.57 -6.63 -2.88
C GLU A 214 3.78 -5.76 -4.12
N MET A 215 2.72 -5.56 -4.87
CA MET A 215 2.70 -4.55 -5.92
C MET A 215 1.41 -3.77 -5.81
N TYR A 216 1.37 -2.60 -6.46
CA TYR A 216 0.23 -1.71 -6.34
C TYR A 216 -0.50 -1.62 -7.67
N TYR A 217 -1.81 -1.84 -7.62
CA TYR A 217 -2.69 -1.69 -8.77
C TYR A 217 -3.27 -0.28 -8.80
N SER A 218 -3.26 0.34 -9.97
CA SER A 218 -3.88 1.65 -10.14
C SER A 218 -4.68 1.69 -11.43
N THR A 219 -5.89 2.25 -11.38
CA THR A 219 -6.68 2.44 -12.60
C THR A 219 -6.09 3.50 -13.52
N ALA A 220 -5.06 4.24 -13.09
CA ALA A 220 -4.50 5.30 -13.93
C ALA A 220 -3.44 4.80 -14.90
N ILE A 221 -2.98 3.57 -14.76
CA ILE A 221 -1.95 3.04 -15.66
C ILE A 221 -2.49 1.87 -16.46
N SER A 222 -1.64 1.25 -17.26
N SER A 222 -1.63 1.22 -17.23
CA SER A 222 -1.98 0.07 -18.05
CA SER A 222 -2.00 0.04 -18.01
C SER A 222 -0.77 -0.86 -18.04
C SER A 222 -0.88 -0.99 -17.85
N GLY A 223 -0.93 -2.02 -18.67
CA GLY A 223 0.16 -2.97 -18.73
C GLY A 223 -0.25 -4.41 -18.51
N ASN A 224 0.38 -5.31 -19.26
CA ASN A 224 0.08 -6.73 -19.11
C ASN A 224 0.42 -7.17 -17.69
N ILE A 225 -0.56 -7.75 -17.01
CA ILE A 225 -0.40 -8.06 -15.59
C ILE A 225 0.61 -9.19 -15.40
N VAL A 226 0.46 -10.27 -16.16
CA VAL A 226 1.37 -11.40 -16.01
C VAL A 226 2.82 -10.96 -16.23
N ASN A 227 3.07 -10.20 -17.30
CA ASN A 227 4.41 -9.71 -17.56
C ASN A 227 4.92 -8.86 -16.42
N SER A 228 4.08 -7.94 -15.93
CA SER A 228 4.45 -7.10 -14.79
C SER A 228 4.89 -7.96 -13.61
N VAL A 229 4.09 -8.97 -13.26
CA VAL A 229 4.41 -9.82 -12.12
C VAL A 229 5.71 -10.57 -12.36
N ASN A 230 5.86 -11.19 -13.53
CA ASN A 230 7.04 -12.01 -13.79
C ASN A 230 8.32 -11.17 -13.81
N VAL A 231 8.27 -9.97 -14.39
CA VAL A 231 9.42 -9.08 -14.29
C VAL A 231 9.81 -8.85 -12.84
N GLN A 232 8.81 -8.66 -11.97
CA GLN A 232 9.10 -8.40 -10.57
C GLN A 232 9.65 -9.64 -9.86
N SER A 233 9.13 -10.82 -10.20
CA SER A 233 9.64 -12.05 -9.60
C SER A 233 11.12 -12.25 -9.93
N ARG A 234 11.48 -12.06 -11.20
CA ARG A 234 12.89 -12.15 -11.60
C ARG A 234 13.75 -11.15 -10.84
N LYS A 235 13.28 -9.90 -10.76
CA LYS A 235 14.04 -8.90 -10.01
C LYS A 235 14.27 -9.37 -8.58
N LEU A 236 13.24 -9.92 -7.93
CA LEU A 236 13.37 -10.36 -6.55
C LEU A 236 14.29 -11.56 -6.42
N LEU A 237 14.22 -12.50 -7.37
CA LEU A 237 15.14 -13.64 -7.36
C LEU A 237 16.58 -13.19 -7.63
N ALA A 238 16.78 -12.20 -8.50
CA ALA A 238 18.14 -11.75 -8.81
C ALA A 238 18.82 -11.07 -7.63
N ARG A 239 18.06 -10.58 -6.65
CA ARG A 239 18.66 -9.89 -5.52
C ARG A 239 19.13 -10.83 -4.43
N PHE A 240 18.81 -12.11 -4.52
CA PHE A 240 19.39 -13.06 -3.57
C PHE A 240 20.90 -13.11 -3.78
N GLY A 241 21.64 -13.04 -2.68
CA GLY A 241 23.08 -12.94 -2.73
C GLY A 241 23.62 -11.53 -2.91
N ASP A 242 22.78 -10.54 -3.16
CA ASP A 242 23.25 -9.16 -3.23
C ASP A 242 23.72 -8.68 -1.86
N GLN A 243 24.85 -7.97 -1.86
CA GLN A 243 25.49 -7.51 -0.63
C GLN A 243 25.28 -6.03 -0.36
N ARG A 244 24.86 -5.27 -1.37
CA ARG A 244 24.49 -3.86 -1.17
C ARG A 244 23.45 -3.76 -0.06
N GLY A 245 23.54 -2.70 0.74
CA GLY A 245 22.57 -2.47 1.78
C GLY A 245 21.41 -1.64 1.27
N PRO A 246 20.59 -1.11 2.18
CA PRO A 246 19.51 -0.20 1.77
C PRO A 246 20.07 1.18 1.41
N ILE A 247 19.25 1.94 0.68
CA ILE A 247 19.57 3.31 0.28
C ILE A 247 18.71 4.25 1.11
N ARG A 248 19.34 5.09 1.94
CA ARG A 248 18.62 5.95 2.87
C ARG A 248 18.27 7.27 2.20
N VAL A 249 17.02 7.70 2.35
CA VAL A 249 16.54 8.97 1.80
C VAL A 249 15.78 9.71 2.89
N PRO A 250 15.58 11.02 2.73
CA PRO A 250 14.83 11.78 3.74
C PRO A 250 13.39 11.31 3.80
N GLU A 251 12.81 11.41 4.99
CA GLU A 251 11.39 11.10 5.18
C GLU A 251 10.54 12.27 4.69
N MET A 252 9.33 11.96 4.23
CA MET A 252 8.40 13.01 3.82
C MET A 252 8.02 13.88 5.00
N ASP A 253 8.09 15.20 4.82
CA ASP A 253 7.56 16.16 5.78
C ASP A 253 6.49 16.99 5.09
N LEU A 254 5.23 16.76 5.46
CA LEU A 254 4.12 17.43 4.79
C LEU A 254 3.85 18.84 5.32
N GLY A 255 4.52 19.26 6.40
CA GLY A 255 4.14 20.48 7.08
C GLY A 255 2.87 20.28 7.90
N VAL A 256 2.47 21.35 8.61
CA VAL A 256 1.35 21.26 9.53
C VAL A 256 0.35 22.39 9.23
N GLY A 257 -0.87 22.20 9.68
CA GLY A 257 -1.90 23.21 9.53
C GLY A 257 -3.18 22.63 8.94
N THR A 258 -4.21 23.47 8.97
CA THR A 258 -5.51 23.10 8.43
C THR A 258 -5.57 23.49 6.95
N ARG A 259 -6.51 22.89 6.24
CA ARG A 259 -6.80 23.34 4.88
C ARG A 259 -8.24 23.87 4.83
PA MGP B . 8.69 -9.85 7.20
O1A MGP B . 9.71 -9.13 6.32
O2A MGP B . 9.19 -10.04 8.61
O3A MGP B . 7.33 -8.94 7.24
O5' MGP B . 8.25 -11.27 6.63
PB MGP B . 6.15 -9.01 8.38
O1B MGP B . 5.45 -10.35 8.30
O2B MGP B . 6.82 -8.87 9.73
O3B MGP B . 5.18 -7.72 8.07
PC MGP B . 5.49 -6.13 8.41
O1C MGP B . 6.99 -5.94 8.42
O2C MGP B . 4.91 -5.84 9.79
O3C MGP B . 4.85 -5.23 7.37
C5' MGP B . 7.68 -11.33 5.31
C4' MGP B . 7.92 -12.72 4.77
O4' MGP B . 9.34 -13.01 4.86
C3' MGP B . 7.25 -13.79 5.65
O3' MGP B . 5.91 -14.01 5.24
C2' MGP B . 8.13 -15.02 5.41
O2' MGP B . 7.88 -15.65 4.14
C1' MGP B . 9.50 -14.36 5.30
N9 MGP B . 10.25 -14.35 6.59
C8 MGP B . 9.98 -13.60 7.68
N7 MGP B . 10.90 -13.87 8.60
CM7 MGP B . 10.89 -13.22 9.93
C5 MGP B . 11.76 -14.76 8.10
C6 MGP B . 12.92 -15.43 8.59
O6 MGP B . 13.33 -15.19 9.71
N1 MGP B . 13.60 -16.30 7.83
C2 MGP B . 13.10 -16.53 6.59
N2 MGP B . 13.78 -17.41 5.83
N3 MGP B . 12.01 -15.95 6.06
C4 MGP B . 11.34 -15.06 6.83
C1 GOL C . 10.29 3.01 11.53
O1 GOL C . 11.28 2.04 11.50
C2 GOL C . 9.15 2.48 12.41
O2 GOL C . 8.77 1.19 12.00
C3 GOL C . 8.02 3.51 12.27
O3 GOL C . 8.45 4.69 12.90
C1 CIT D . -23.69 6.19 -0.25
O1 CIT D . -23.66 5.04 -0.74
O2 CIT D . -23.11 7.11 -0.87
C2 CIT D . -24.38 6.48 1.07
C3 CIT D . -25.49 5.50 1.48
O7 CIT D . -24.83 4.33 2.02
C4 CIT D . -26.42 6.17 2.48
C5 CIT D . -27.27 5.19 3.26
O3 CIT D . -27.32 3.98 2.94
O4 CIT D . -27.95 5.58 4.24
C6 CIT D . -26.31 5.08 0.29
O5 CIT D . -26.95 5.93 -0.36
O6 CIT D . -26.35 3.88 -0.05
N SAM E . -1.34 2.89 4.13
CA SAM E . -1.04 2.80 5.57
C SAM E . -0.04 3.84 6.02
O SAM E . 0.46 4.58 5.16
OXT SAM E . 0.28 3.95 7.21
CB SAM E . -0.52 1.42 5.89
CG SAM E . -1.64 0.43 5.66
SD SAM E . -1.59 -0.85 6.91
CE SAM E . -0.32 -1.92 6.17
C5' SAM E . -3.04 -1.86 6.56
C4' SAM E . -4.01 -1.69 7.72
O4' SAM E . -5.26 -2.30 7.41
C3' SAM E . -3.48 -2.38 8.98
O3' SAM E . -3.32 -1.42 10.00
C2' SAM E . -4.58 -3.35 9.37
O2' SAM E . -4.76 -3.28 10.76
C1' SAM E . -5.78 -2.81 8.60
N9 SAM E . -6.79 -3.83 8.30
C8 SAM E . -6.58 -5.15 7.98
N7 SAM E . -7.78 -5.74 7.76
C5 SAM E . -8.75 -4.81 7.92
C6 SAM E . -10.13 -4.88 7.82
N6 SAM E . -10.73 -6.03 7.51
N1 SAM E . -10.88 -3.75 8.04
C2 SAM E . -10.25 -2.56 8.38
N3 SAM E . -8.87 -2.50 8.48
C4 SAM E . -8.14 -3.62 8.26
C1 PEG F . -10.95 11.18 15.66
O1 PEG F . -9.71 11.39 14.99
C2 PEG F . -11.16 9.73 15.76
O2 PEG F . -9.91 9.18 16.19
C3 PEG F . -10.03 8.33 17.33
C4 PEG F . -9.46 7.02 16.88
O4 PEG F . -9.19 7.16 15.49
MG MG G . 8.66 -9.67 10.50
#